data_6O43
#
_entry.id   6O43
#
_cell.length_a   61.397
_cell.length_b   61.397
_cell.length_c   101.606
_cell.angle_alpha   90.000
_cell.angle_beta   90.000
_cell.angle_gamma   120.000
#
_symmetry.space_group_name_H-M   'P 31 2 1'
#
loop_
_entity.id
_entity.type
_entity.pdbx_description
1 polymer Orf11
2 non-polymer '5-amino-2,4,6-triiodobenzene-1,3-dicarboxylic acid'
3 water water
#
_entity_poly.entity_id   1
_entity_poly.type   'polypeptide(L)'
_entity_poly.pdbx_seq_one_letter_code
;MNDQEKIDKFTHSYINDDFGLTIDQLVPKVKGYGRFNVWLGGNESKIRQVLKAVKEIGVSPTLFAVYEKNEGFSSGLGWL
NHTSARGDYLTDAKFIARKLVSQSKQAGQPSWYDAGNIVHFVPQDVQRKGNADFAKNMKAGTIGRAYIPLTAAATWAAYY
PLGLKASYNKVQNYGNPFLDGANTILAWGGKLDGKGGSPS
;
_entity_poly.pdbx_strand_id   A
#
# COMPACT_ATOMS: atom_id res chain seq x y z
N ASN A 2 14.27 10.35 9.15
CA ASN A 2 14.26 10.19 7.70
C ASN A 2 13.06 9.37 7.26
N ASP A 3 11.93 9.56 7.93
CA ASP A 3 10.69 8.91 7.53
C ASP A 3 10.32 9.26 6.10
N GLN A 4 10.48 10.53 5.72
CA GLN A 4 10.12 10.95 4.37
C GLN A 4 10.94 10.19 3.33
N GLU A 5 12.22 9.96 3.63
CA GLU A 5 13.06 9.18 2.72
C GLU A 5 12.54 7.76 2.57
N LYS A 6 12.10 7.15 3.67
CA LYS A 6 11.52 5.81 3.59
C LYS A 6 10.19 5.83 2.84
N ILE A 7 9.35 6.82 3.13
CA ILE A 7 8.09 6.96 2.40
C ILE A 7 8.36 7.12 0.91
N ASP A 8 9.30 8.01 0.55
CA ASP A 8 9.60 8.27 -0.85
C ASP A 8 10.04 7.00 -1.56
N LYS A 9 11.03 6.30 -1.00
CA LYS A 9 11.48 5.05 -1.60
C LYS A 9 10.31 4.09 -1.76
N PHE A 10 9.41 4.05 -0.79
CA PHE A 10 8.31 3.09 -0.82
C PHE A 10 7.28 3.46 -1.89
N THR A 11 6.73 4.67 -1.82
CA THR A 11 5.68 5.05 -2.76
C THR A 11 6.15 4.95 -4.21
N HIS A 12 7.42 5.20 -4.48
CA HIS A 12 7.93 5.22 -5.84
C HIS A 12 8.34 3.86 -6.37
N SER A 13 8.25 2.81 -5.56
CA SER A 13 8.56 1.46 -6.03
C SER A 13 7.42 0.91 -6.87
N TYR A 14 7.75 -0.04 -7.74
CA TYR A 14 6.73 -0.77 -8.48
C TYR A 14 6.00 -1.74 -7.56
N ILE A 15 4.71 -1.97 -7.84
CA ILE A 15 3.93 -2.87 -6.99
C ILE A 15 4.38 -4.32 -7.10
N ASN A 16 5.26 -4.64 -8.04
CA ASN A 16 5.77 -6.00 -8.18
C ASN A 16 7.19 -6.13 -7.62
N ASP A 17 7.63 -5.15 -6.83
CA ASP A 17 8.95 -5.18 -6.21
C ASP A 17 8.88 -6.07 -4.97
N ASP A 18 9.75 -7.10 -4.91
CA ASP A 18 9.74 -7.99 -3.76
CA ASP A 18 9.77 -8.00 -3.77
C ASP A 18 10.58 -7.46 -2.60
N PHE A 19 11.24 -6.32 -2.76
CA PHE A 19 12.01 -5.69 -1.68
C PHE A 19 13.00 -6.67 -1.04
N GLY A 20 13.51 -7.60 -1.83
CA GLY A 20 14.52 -8.53 -1.36
C GLY A 20 14.02 -9.63 -0.46
N LEU A 21 12.71 -9.85 -0.38
CA LEU A 21 12.14 -10.90 0.45
C LEU A 21 11.42 -11.92 -0.43
N THR A 22 11.59 -13.20 -0.09
CA THR A 22 10.95 -14.29 -0.82
C THR A 22 9.70 -14.75 -0.10
N ILE A 23 8.90 -15.56 -0.80
CA ILE A 23 7.70 -16.12 -0.21
C ILE A 23 8.04 -17.01 0.97
N ASP A 24 9.14 -17.77 0.86
CA ASP A 24 9.60 -18.59 1.98
C ASP A 24 9.84 -17.73 3.21
N GLN A 25 10.54 -16.60 3.04
CA GLN A 25 10.78 -15.70 4.16
C GLN A 25 9.49 -15.05 4.66
N LEU A 26 8.52 -14.85 3.76
CA LEU A 26 7.31 -14.12 4.14
C LEU A 26 6.37 -14.99 4.98
N VAL A 27 6.22 -16.27 4.64
CA VAL A 27 5.18 -17.08 5.25
C VAL A 27 5.25 -17.06 6.78
N PRO A 28 6.37 -17.42 7.41
CA PRO A 28 6.40 -17.38 8.88
C PRO A 28 6.18 -16.00 9.47
N LYS A 29 6.48 -14.94 8.72
CA LYS A 29 6.34 -13.59 9.27
C LYS A 29 4.89 -13.15 9.37
N VAL A 30 4.04 -13.59 8.44
CA VAL A 30 2.70 -13.04 8.29
C VAL A 30 1.60 -13.99 8.75
N LYS A 31 1.93 -15.25 9.09
CA LYS A 31 0.89 -16.24 9.34
C LYS A 31 -0.04 -15.84 10.47
N GLY A 32 0.43 -15.05 11.43
CA GLY A 32 -0.42 -14.62 12.52
C GLY A 32 -1.18 -13.33 12.31
N TYR A 33 -1.13 -12.75 11.11
CA TYR A 33 -1.66 -11.41 10.89
C TYR A 33 -2.80 -11.40 9.89
N GLY A 34 -3.73 -10.46 10.10
CA GLY A 34 -4.79 -10.20 9.13
C GLY A 34 -5.54 -11.47 8.75
N ARG A 35 -5.85 -11.57 7.45
CA ARG A 35 -6.63 -12.69 6.95
C ARG A 35 -5.80 -13.95 6.76
N PHE A 36 -4.47 -13.87 6.80
CA PHE A 36 -3.68 -15.08 6.92
C PHE A 36 -4.06 -15.82 8.20
N ASN A 37 -4.50 -15.08 9.22
CA ASN A 37 -4.95 -15.67 10.48
C ASN A 37 -6.46 -15.93 10.46
N VAL A 38 -7.27 -14.89 10.22
CA VAL A 38 -8.71 -15.02 10.38
C VAL A 38 -9.30 -15.93 9.31
N TRP A 39 -8.83 -15.81 8.07
CA TRP A 39 -9.39 -16.60 6.97
C TRP A 39 -8.72 -17.95 6.79
N LEU A 40 -7.40 -18.01 6.89
CA LEU A 40 -6.66 -19.23 6.61
C LEU A 40 -6.15 -19.95 7.86
N GLY A 41 -6.42 -19.43 9.05
CA GLY A 41 -5.99 -20.06 10.27
C GLY A 41 -4.49 -20.29 10.36
N GLY A 42 -3.73 -19.49 9.60
CA GLY A 42 -2.28 -19.59 9.60
C GLY A 42 -1.71 -20.74 8.82
N ASN A 43 -2.52 -21.43 8.02
CA ASN A 43 -2.07 -22.62 7.30
C ASN A 43 -1.08 -22.23 6.21
N GLU A 44 0.14 -22.78 6.28
CA GLU A 44 1.21 -22.33 5.40
C GLU A 44 0.91 -22.62 3.93
N SER A 45 0.29 -23.77 3.63
CA SER A 45 0.04 -24.09 2.24
C SER A 45 -0.96 -23.12 1.61
N LYS A 46 -1.98 -22.71 2.37
CA LYS A 46 -2.94 -21.72 1.85
C LYS A 46 -2.30 -20.34 1.75
N ILE A 47 -1.43 -19.99 2.69
CA ILE A 47 -0.72 -18.72 2.60
C ILE A 47 0.13 -18.69 1.33
N ARG A 48 0.89 -19.77 1.08
CA ARG A 48 1.66 -19.86 -0.15
C ARG A 48 0.78 -19.78 -1.38
N GLN A 49 -0.36 -20.48 -1.35
CA GLN A 49 -1.30 -20.41 -2.47
C GLN A 49 -1.69 -18.96 -2.76
N VAL A 50 -1.98 -18.19 -1.72
CA VAL A 50 -2.38 -16.79 -1.90
C VAL A 50 -1.23 -15.97 -2.46
N LEU A 51 -0.06 -16.06 -1.82
CA LEU A 51 1.07 -15.25 -2.26
C LEU A 51 1.49 -15.58 -3.69
N LYS A 52 1.55 -16.88 -4.02
CA LYS A 52 1.85 -17.26 -5.40
C LYS A 52 0.83 -16.67 -6.37
N ALA A 53 -0.45 -16.66 -5.98
CA ALA A 53 -1.50 -16.22 -6.88
C ALA A 53 -1.38 -14.72 -7.17
N VAL A 54 -1.18 -13.90 -6.14
CA VAL A 54 -1.06 -12.47 -6.39
C VAL A 54 0.21 -12.18 -7.18
N LYS A 55 1.28 -12.94 -6.90
CA LYS A 55 2.52 -12.76 -7.65
C LYS A 55 2.30 -12.99 -9.15
N GLU A 56 1.57 -14.05 -9.50
CA GLU A 56 1.31 -14.32 -10.91
C GLU A 56 0.55 -13.18 -11.58
N ILE A 57 -0.26 -12.46 -10.81
CA ILE A 57 -1.07 -11.39 -11.38
C ILE A 57 -0.27 -10.10 -11.53
N GLY A 58 0.74 -9.89 -10.70
CA GLY A 58 1.60 -8.74 -10.85
C GLY A 58 1.80 -7.93 -9.58
N VAL A 59 1.32 -8.45 -8.44
CA VAL A 59 1.50 -7.81 -7.15
C VAL A 59 2.56 -8.57 -6.37
N SER A 60 3.56 -7.85 -5.87
CA SER A 60 4.64 -8.49 -5.15
C SER A 60 4.09 -9.16 -3.89
N PRO A 61 4.45 -10.41 -3.62
CA PRO A 61 4.04 -11.03 -2.35
C PRO A 61 4.45 -10.21 -1.15
N THR A 62 5.59 -9.52 -1.22
CA THR A 62 6.04 -8.70 -0.09
C THR A 62 5.06 -7.56 0.17
N LEU A 63 4.67 -6.84 -0.87
CA LEU A 63 3.72 -5.73 -0.68
C LEU A 63 2.40 -6.24 -0.14
N PHE A 64 1.85 -7.30 -0.75
CA PHE A 64 0.59 -7.87 -0.30
C PHE A 64 0.65 -8.22 1.19
N ALA A 65 1.69 -8.96 1.59
CA ALA A 65 1.81 -9.39 2.97
C ALA A 65 2.00 -8.20 3.91
N VAL A 66 2.88 -7.27 3.54
CA VAL A 66 3.15 -6.13 4.42
C VAL A 66 1.90 -5.27 4.62
N TYR A 67 1.11 -5.09 3.56
CA TYR A 67 -0.12 -4.31 3.70
C TYR A 67 -1.18 -5.07 4.49
N GLU A 68 -1.29 -6.38 4.27
CA GLU A 68 -2.24 -7.17 5.05
C GLU A 68 -1.88 -7.14 6.53
N LYS A 69 -0.58 -7.24 6.85
CA LYS A 69 -0.16 -7.19 8.24
C LYS A 69 -0.51 -5.84 8.88
N ASN A 70 -0.27 -4.74 8.15
CA ASN A 70 -0.48 -3.42 8.73
C ASN A 70 -1.95 -2.99 8.68
N GLU A 71 -2.73 -3.52 7.73
CA GLU A 71 -4.16 -3.23 7.71
C GLU A 71 -4.92 -4.07 8.75
N GLY A 72 -4.59 -5.35 8.83
CA GLY A 72 -5.31 -6.25 9.73
C GLY A 72 -6.66 -6.64 9.16
N PHE A 73 -7.37 -7.45 9.93
CA PHE A 73 -8.71 -7.87 9.55
C PHE A 73 -9.72 -6.77 9.91
N SER A 74 -10.72 -6.61 9.04
CA SER A 74 -11.82 -5.68 9.29
C SER A 74 -13.10 -6.26 8.72
N SER A 75 -14.14 -6.31 9.55
CA SER A 75 -15.44 -6.84 9.16
C SER A 75 -15.86 -6.31 7.79
N GLY A 76 -16.28 -7.23 6.91
CA GLY A 76 -16.89 -6.89 5.66
C GLY A 76 -15.93 -6.68 4.50
N LEU A 77 -14.64 -6.55 4.76
CA LEU A 77 -13.67 -6.18 3.74
C LEU A 77 -12.74 -7.34 3.41
N GLY A 78 -12.33 -7.42 2.14
CA GLY A 78 -11.42 -8.44 1.71
C GLY A 78 -9.98 -8.09 2.01
N TRP A 79 -9.08 -8.76 1.29
CA TRP A 79 -7.65 -8.57 1.51
C TRP A 79 -7.26 -7.10 1.43
N LEU A 80 -6.35 -6.68 2.32
CA LEU A 80 -5.81 -5.34 2.39
C LEU A 80 -6.84 -4.29 2.80
N ASN A 81 -8.04 -4.72 3.22
CA ASN A 81 -9.13 -3.80 3.53
C ASN A 81 -9.49 -2.94 2.33
N HIS A 82 -9.36 -3.51 1.13
CA HIS A 82 -9.51 -2.73 -0.10
C HIS A 82 -10.97 -2.40 -0.38
N THR A 83 -11.85 -3.40 -0.31
CA THR A 83 -13.26 -3.19 -0.60
C THR A 83 -14.05 -4.36 -0.01
N SER A 84 -15.30 -4.50 -0.43
CA SER A 84 -16.12 -5.61 0.04
CA SER A 84 -16.13 -5.61 0.02
C SER A 84 -15.46 -6.93 -0.35
N ALA A 85 -15.59 -7.92 0.54
CA ALA A 85 -14.95 -9.21 0.33
C ALA A 85 -15.70 -10.02 -0.72
N ARG A 86 -14.94 -10.64 -1.63
CA ARG A 86 -15.52 -11.61 -2.56
C ARG A 86 -15.93 -12.85 -1.77
N GLY A 87 -16.31 -13.90 -2.48
CA GLY A 87 -16.95 -15.05 -1.85
C GLY A 87 -16.03 -16.05 -1.20
N ASP A 88 -14.75 -16.07 -1.58
CA ASP A 88 -13.79 -16.98 -0.97
C ASP A 88 -12.42 -16.33 -0.98
N TYR A 89 -11.52 -16.86 -0.15
CA TYR A 89 -10.25 -16.16 0.08
C TYR A 89 -9.39 -16.11 -1.18
N LEU A 90 -9.41 -17.16 -2.01
CA LEU A 90 -8.58 -17.17 -3.21
C LEU A 90 -9.17 -16.25 -4.28
N THR A 91 -10.47 -16.35 -4.53
CA THR A 91 -11.12 -15.41 -5.44
C THR A 91 -10.89 -13.97 -5.00
N ASP A 92 -10.87 -13.73 -3.68
CA ASP A 92 -10.70 -12.37 -3.20
C ASP A 92 -9.27 -11.87 -3.42
N ALA A 93 -8.28 -12.72 -3.18
CA ALA A 93 -6.90 -12.33 -3.39
C ALA A 93 -6.65 -11.97 -4.85
N LYS A 94 -7.15 -12.79 -5.77
CA LYS A 94 -6.96 -12.51 -7.20
C LYS A 94 -7.74 -11.28 -7.63
N PHE A 95 -8.95 -11.09 -7.09
CA PHE A 95 -9.71 -9.89 -7.39
C PHE A 95 -8.94 -8.64 -6.98
N ILE A 96 -8.38 -8.64 -5.77
CA ILE A 96 -7.67 -7.47 -5.27
C ILE A 96 -6.33 -7.30 -5.99
N ALA A 97 -5.69 -8.41 -6.38
CA ALA A 97 -4.45 -8.31 -7.12
C ALA A 97 -4.67 -7.63 -8.46
N ARG A 98 -5.69 -8.06 -9.21
CA ARG A 98 -5.98 -7.43 -10.49
C ARG A 98 -6.44 -5.98 -10.30
N LYS A 99 -7.17 -5.70 -9.23
CA LYS A 99 -7.58 -4.32 -8.94
C LYS A 99 -6.36 -3.44 -8.68
N LEU A 100 -5.39 -3.96 -7.92
CA LEU A 100 -4.19 -3.17 -7.61
C LEU A 100 -3.34 -2.94 -8.86
N VAL A 101 -3.29 -3.91 -9.78
CA VAL A 101 -2.56 -3.70 -11.02
C VAL A 101 -3.22 -2.59 -11.84
N SER A 102 -4.55 -2.63 -11.96
CA SER A 102 -5.26 -1.57 -12.65
C SER A 102 -4.95 -0.21 -12.04
N GLN A 103 -5.14 -0.09 -10.73
CA GLN A 103 -4.99 1.21 -10.08
C GLN A 103 -3.57 1.75 -10.22
N SER A 104 -2.57 0.87 -10.18
CA SER A 104 -1.19 1.32 -10.30
C SER A 104 -0.90 1.97 -11.65
N LYS A 105 -1.77 1.77 -12.65
CA LYS A 105 -1.62 2.39 -13.96
C LYS A 105 -2.64 3.49 -14.22
N GLN A 106 -3.37 3.93 -13.20
CA GLN A 106 -4.45 4.87 -13.41
C GLN A 106 -3.91 6.29 -13.62
N ALA A 107 -4.63 7.07 -14.42
CA ALA A 107 -4.41 8.50 -14.43
C ALA A 107 -4.88 9.12 -13.12
N GLY A 108 -4.38 10.30 -12.81
CA GLY A 108 -4.86 10.99 -11.63
C GLY A 108 -3.90 12.10 -11.20
N GLN A 109 -4.23 12.66 -10.05
CA GLN A 109 -3.46 13.71 -9.40
C GLN A 109 -3.72 13.63 -7.91
N PRO A 110 -2.83 14.18 -7.09
CA PRO A 110 -3.01 14.07 -5.64
C PRO A 110 -4.26 14.79 -5.18
N SER A 111 -4.78 14.33 -4.04
CA SER A 111 -5.99 14.87 -3.43
C SER A 111 -5.62 15.50 -2.09
N TRP A 112 -5.61 16.83 -2.03
CA TRP A 112 -5.01 17.52 -0.90
C TRP A 112 -5.98 17.81 0.23
N TYR A 113 -7.29 17.61 0.03
CA TYR A 113 -8.25 17.83 1.09
C TYR A 113 -9.31 16.72 1.07
N ASP A 114 -9.88 16.46 2.24
CA ASP A 114 -10.88 15.42 2.41
C ASP A 114 -12.22 15.91 1.88
N ALA A 115 -12.63 15.39 0.72
CA ALA A 115 -13.87 15.83 0.09
C ALA A 115 -15.09 15.64 0.99
N GLY A 116 -14.98 14.86 2.06
CA GLY A 116 -16.09 14.62 2.95
C GLY A 116 -16.04 15.43 4.23
N ASN A 117 -14.85 15.96 4.55
CA ASN A 117 -14.63 16.83 5.72
C ASN A 117 -13.66 17.92 5.27
N ILE A 118 -14.19 18.89 4.54
CA ILE A 118 -13.36 19.84 3.80
C ILE A 118 -12.62 20.74 4.78
N VAL A 119 -11.30 20.58 4.85
CA VAL A 119 -10.42 21.51 5.55
C VAL A 119 -9.22 21.76 4.63
N HIS A 120 -9.13 22.96 4.09
CA HIS A 120 -7.99 23.34 3.25
C HIS A 120 -6.87 23.80 4.17
N PHE A 121 -5.79 23.02 4.24
CA PHE A 121 -4.67 23.34 5.12
C PHE A 121 -3.30 23.04 4.54
N VAL A 122 -3.17 22.25 3.48
CA VAL A 122 -1.83 21.91 2.98
C VAL A 122 -1.22 23.14 2.32
N PRO A 123 -0.02 23.55 2.71
CA PRO A 123 0.60 24.74 2.12
C PRO A 123 0.68 24.64 0.60
N GLN A 124 0.59 25.80 -0.05
CA GLN A 124 0.54 25.83 -1.51
C GLN A 124 1.82 25.25 -2.12
N ASP A 125 2.98 25.67 -1.60
N ASP A 125 2.98 25.66 -1.61
CA ASP A 125 4.25 25.15 -2.12
CA ASP A 125 4.24 25.14 -2.16
C ASP A 125 4.33 23.65 -1.96
C ASP A 125 4.38 23.64 -1.95
N VAL A 126 3.77 23.11 -0.88
CA VAL A 126 3.76 21.67 -0.69
C VAL A 126 2.90 21.00 -1.76
N GLN A 127 1.73 21.57 -2.03
CA GLN A 127 0.88 21.03 -3.09
C GLN A 127 1.60 21.05 -4.43
N ARG A 128 2.30 22.15 -4.72
CA ARG A 128 3.05 22.26 -5.97
C ARG A 128 4.07 21.12 -6.10
N LYS A 129 4.87 20.91 -5.05
CA LYS A 129 5.88 19.86 -5.09
C LYS A 129 5.22 18.49 -5.27
N GLY A 130 4.15 18.24 -4.52
CA GLY A 130 3.47 16.94 -4.63
C GLY A 130 2.84 16.74 -6.00
N ASN A 131 2.13 17.76 -6.50
CA ASN A 131 1.57 17.67 -7.84
C ASN A 131 2.62 17.38 -8.88
N ALA A 132 3.78 18.06 -8.78
CA ALA A 132 4.82 17.89 -9.79
C ALA A 132 5.48 16.52 -9.69
N ASP A 133 5.76 16.06 -8.48
CA ASP A 133 6.35 14.73 -8.32
C ASP A 133 5.43 13.66 -8.89
N PHE A 134 4.14 13.73 -8.57
CA PHE A 134 3.21 12.71 -9.04
C PHE A 134 3.11 12.72 -10.55
N ALA A 135 3.09 13.91 -11.16
CA ALA A 135 2.94 14.00 -12.60
C ALA A 135 4.21 13.57 -13.32
N LYS A 136 5.38 13.82 -12.72
CA LYS A 136 6.66 13.62 -13.39
C LYS A 136 7.39 12.36 -12.94
N ASN A 137 7.32 12.02 -11.66
CA ASN A 137 8.18 10.97 -11.09
C ASN A 137 7.44 9.73 -10.63
N MET A 138 6.11 9.76 -10.52
CA MET A 138 5.35 8.61 -10.05
C MET A 138 4.97 7.77 -11.27
N LYS A 139 5.77 6.75 -11.56
CA LYS A 139 5.64 6.02 -12.82
C LYS A 139 4.41 5.12 -12.81
N ALA A 140 4.09 4.62 -14.00
CA ALA A 140 3.05 3.60 -14.13
C ALA A 140 3.47 2.33 -13.42
N GLY A 141 2.50 1.67 -12.79
CA GLY A 141 2.77 0.45 -12.07
C GLY A 141 3.42 0.63 -10.71
N THR A 142 3.40 1.84 -10.16
CA THR A 142 4.02 2.13 -8.88
C THR A 142 2.99 2.06 -7.75
N ILE A 143 3.52 1.89 -6.53
CA ILE A 143 2.67 1.91 -5.34
C ILE A 143 1.97 3.25 -5.21
N GLY A 144 2.73 4.35 -5.37
CA GLY A 144 2.15 5.66 -5.20
C GLY A 144 0.96 5.89 -6.12
N ARG A 145 1.13 5.59 -7.42
CA ARG A 145 0.05 5.83 -8.37
C ARG A 145 -1.21 5.04 -8.00
N ALA A 146 -1.04 3.85 -7.41
CA ALA A 146 -2.21 3.04 -7.07
C ALA A 146 -3.08 3.68 -5.99
N TYR A 147 -2.48 4.42 -5.06
CA TYR A 147 -3.21 4.92 -3.91
C TYR A 147 -3.37 6.44 -3.87
N ILE A 148 -2.36 7.20 -4.28
CA ILE A 148 -2.37 8.65 -4.01
C ILE A 148 -3.60 9.36 -4.57
N PRO A 149 -4.01 9.14 -5.82
CA PRO A 149 -5.13 9.94 -6.36
C PRO A 149 -6.45 9.73 -5.66
N LEU A 150 -6.64 8.61 -4.97
CA LEU A 150 -7.98 8.15 -4.62
C LEU A 150 -8.47 8.64 -3.26
N THR A 151 -7.57 8.96 -2.33
CA THR A 151 -7.99 9.45 -1.02
C THR A 151 -7.02 10.55 -0.57
N ALA A 152 -7.56 11.49 0.21
CA ALA A 152 -6.71 12.54 0.77
C ALA A 152 -5.69 11.96 1.75
N ALA A 153 -6.08 10.93 2.50
CA ALA A 153 -5.17 10.32 3.47
C ALA A 153 -3.94 9.73 2.78
N ALA A 154 -4.13 9.11 1.61
CA ALA A 154 -2.99 8.55 0.90
C ALA A 154 -2.08 9.66 0.36
N THR A 155 -2.68 10.76 -0.09
CA THR A 155 -1.87 11.89 -0.54
C THR A 155 -1.07 12.49 0.60
N TRP A 156 -1.72 12.72 1.74
CA TRP A 156 -1.01 13.22 2.91
C TRP A 156 0.11 12.28 3.32
N ALA A 157 -0.15 10.97 3.34
CA ALA A 157 0.87 10.02 3.75
C ALA A 157 2.09 10.08 2.84
N ALA A 158 1.87 10.29 1.54
CA ALA A 158 2.98 10.30 0.60
C ALA A 158 3.72 11.64 0.58
N TYR A 159 2.99 12.75 0.70
CA TYR A 159 3.52 14.07 0.39
C TYR A 159 3.42 15.09 1.52
N TYR A 160 2.66 14.84 2.58
CA TYR A 160 2.52 15.80 3.66
C TYR A 160 2.03 15.07 4.92
N PRO A 161 2.89 14.24 5.52
CA PRO A 161 2.43 13.36 6.62
C PRO A 161 1.84 14.12 7.80
N LEU A 162 2.17 15.40 8.00
CA LEU A 162 1.48 16.17 9.03
C LEU A 162 -0.02 16.13 8.86
N GLY A 163 -0.49 16.09 7.61
CA GLY A 163 -1.92 16.06 7.35
C GLY A 163 -2.63 14.87 7.95
N LEU A 164 -1.90 13.80 8.28
CA LEU A 164 -2.51 12.64 8.90
C LEU A 164 -2.91 12.90 10.34
N LYS A 165 -2.31 13.88 11.00
CA LYS A 165 -2.61 14.18 12.39
C LYS A 165 -3.92 14.93 12.53
N ALA A 166 -4.68 14.60 13.57
CA ALA A 166 -5.95 15.28 13.80
C ALA A 166 -5.77 16.79 13.98
N SER A 167 -4.65 17.21 14.56
CA SER A 167 -4.40 18.63 14.76
C SER A 167 -4.41 19.41 13.45
N TYR A 168 -4.14 18.74 12.33
CA TYR A 168 -4.10 19.40 11.02
C TYR A 168 -5.37 19.20 10.22
N ASN A 169 -5.77 17.94 9.98
CA ASN A 169 -6.94 17.67 9.17
C ASN A 169 -8.25 17.89 9.93
N LYS A 170 -8.21 17.99 11.25
CA LYS A 170 -9.34 18.35 12.10
C LYS A 170 -10.43 17.29 12.14
N VAL A 171 -10.16 16.08 11.70
CA VAL A 171 -11.12 14.99 11.72
C VAL A 171 -10.67 13.84 12.61
N GLN A 172 -9.41 13.44 12.51
CA GLN A 172 -8.90 12.31 13.27
C GLN A 172 -7.48 11.97 12.85
N ASN A 173 -6.80 11.13 13.62
CA ASN A 173 -5.46 10.66 13.27
C ASN A 173 -5.57 9.50 12.29
N TYR A 174 -4.94 9.65 11.12
CA TYR A 174 -4.86 8.58 10.13
C TYR A 174 -3.46 7.96 10.17
N GLY A 175 -3.40 6.65 9.94
CA GLY A 175 -2.13 5.98 9.82
C GLY A 175 -1.45 6.29 8.49
N ASN A 176 -0.17 5.94 8.42
CA ASN A 176 0.59 6.10 7.17
C ASN A 176 0.94 4.72 6.64
N PRO A 177 0.23 4.22 5.63
CA PRO A 177 0.55 2.87 5.11
C PRO A 177 1.91 2.79 4.46
N PHE A 178 2.38 3.88 3.84
CA PHE A 178 3.67 3.84 3.16
C PHE A 178 4.81 3.75 4.16
N LEU A 179 4.76 4.54 5.23
CA LEU A 179 5.79 4.46 6.26
C LEU A 179 5.75 3.12 6.98
N ASP A 180 4.56 2.69 7.40
CA ASP A 180 4.43 1.41 8.07
C ASP A 180 4.91 0.27 7.18
N GLY A 181 4.57 0.33 5.89
CA GLY A 181 5.03 -0.70 4.97
C GLY A 181 6.54 -0.76 4.87
N ALA A 182 7.17 0.41 4.72
CA ALA A 182 8.63 0.46 4.63
C ALA A 182 9.28 -0.09 5.90
N ASN A 183 8.76 0.29 7.07
CA ASN A 183 9.35 -0.17 8.33
C ASN A 183 9.20 -1.67 8.51
N THR A 184 8.06 -2.23 8.07
CA THR A 184 7.87 -3.67 8.17
C THR A 184 8.82 -4.41 7.25
N ILE A 185 9.01 -3.90 6.04
CA ILE A 185 9.94 -4.53 5.10
C ILE A 185 11.34 -4.55 5.68
N LEU A 186 11.82 -3.41 6.17
CA LEU A 186 13.15 -3.36 6.77
C LEU A 186 13.22 -4.20 8.03
N ALA A 187 12.21 -4.09 8.90
CA ALA A 187 12.18 -4.91 10.11
C ALA A 187 12.31 -6.39 9.77
N TRP A 188 11.75 -6.80 8.64
CA TRP A 188 11.78 -8.19 8.21
C TRP A 188 13.03 -8.55 7.40
N GLY A 189 13.98 -7.64 7.28
CA GLY A 189 15.20 -7.93 6.56
C GLY A 189 15.17 -7.64 5.08
N GLY A 190 14.20 -6.85 4.60
CA GLY A 190 14.16 -6.44 3.22
C GLY A 190 14.94 -5.17 2.99
N LYS A 191 14.86 -4.67 1.75
CA LYS A 191 15.60 -3.48 1.36
C LYS A 191 14.71 -2.53 0.57
N LEU A 192 14.90 -1.24 0.79
CA LEU A 192 14.30 -0.20 -0.04
C LEU A 192 15.28 0.36 -1.07
N ASP A 193 16.57 0.17 -0.85
CA ASP A 193 17.63 0.66 -1.75
C ASP A 193 18.22 -0.48 -2.57
N GLY A 194 17.37 -1.31 -3.15
CA GLY A 194 17.82 -2.45 -3.93
C GLY A 194 17.40 -2.41 -5.38
N LYS A 195 17.50 -3.56 -6.06
CA LYS A 195 17.25 -3.62 -7.50
C LYS A 195 15.95 -2.93 -7.87
N GLY A 196 14.85 -3.32 -7.22
CA GLY A 196 13.55 -2.77 -7.53
C GLY A 196 12.67 -3.74 -8.29
N GLY A 197 11.64 -3.18 -8.93
CA GLY A 197 10.67 -3.94 -9.66
C GLY A 197 10.70 -3.67 -11.15
N SER A 198 9.56 -3.92 -11.79
CA SER A 198 9.36 -3.70 -13.21
C SER A 198 7.92 -3.30 -13.43
N PRO A 199 7.61 -2.71 -14.59
CA PRO A 199 6.23 -2.30 -14.89
C PRO A 199 5.36 -3.43 -15.46
N SER A 200 5.88 -4.65 -15.55
CA SER A 200 5.13 -5.78 -16.09
C SER A 200 3.73 -5.86 -15.48
#